data_3G0W
#
_entry.id   3G0W
#
_cell.length_a   54.862
_cell.length_b   65.739
_cell.length_c   69.750
_cell.angle_alpha   90.00
_cell.angle_beta   90.00
_cell.angle_gamma   90.00
#
_symmetry.space_group_name_H-M   'P 21 21 21'
#
loop_
_entity.id
_entity.type
_entity.pdbx_description
1 polymer 'Androgen receptor'
2 non-polymer '2-chloro-4-{[(1R,3Z,7S,7aS)-7-hydroxy-1-(trifluoromethyl)tetrahydro-1H-pyrrolo[1,2-c][1,3]oxazol-3-ylidene]amino}-3-met hylbenzonitrile'
3 water water
#
_entity_poly.entity_id   1
_entity_poly.type   'polypeptide(L)'
_entity_poly.pdbx_seq_one_letter_code
;GSHMIEGYECQPIFLNVLEAIEPGVVCAGHDNNQPDSFAALLSSLNELGERQLVHVVKWAKALPGFRNLHVDDQMAVIQY
SWMGLMVFAMGWRSFTNVNSRMLYFAPDLVFNEYRMHKSRMYSQCVRMRHLSQEFGWLQITPQEFLCMKALLLFSIIPVD
GLKNQKFFDELRMNYIKELDRIIACKRKNPTSCSRRFYQLTKLLDSVQPIARELHQFTFDLLIKSHMVSVDFPEMMAEII
SVQVPKILSGKVKPIYFHTQ
;
_entity_poly.pdbx_strand_id   A
#
loop_
_chem_comp.id
_chem_comp.type
_chem_comp.name
_chem_comp.formula
LGB non-polymer '2-chloro-4-{[(1R,3Z,7S,7aS)-7-hydroxy-1-(trifluoromethyl)tetrahydro-1H-pyrrolo[1,2-c][1,3]oxazol-3-ylidene]amino}-3-met hylbenzonitrile' 'C15 H13 Cl F3 N3 O2'
#
# COMPACT_ATOMS: atom_id res chain seq x y z
N GLN A 11 -17.63 -11.31 -16.18
CA GLN A 11 -18.08 -12.66 -15.90
C GLN A 11 -16.91 -13.64 -15.83
N PRO A 12 -15.96 -13.41 -14.91
CA PRO A 12 -15.87 -12.28 -13.98
C PRO A 12 -14.89 -11.28 -14.58
N ILE A 13 -15.41 -10.37 -15.41
CA ILE A 13 -14.58 -9.39 -16.11
C ILE A 13 -13.69 -8.54 -15.20
N PHE A 14 -14.26 -8.02 -14.13
CA PHE A 14 -13.50 -7.15 -13.22
C PHE A 14 -12.29 -7.87 -12.62
N LEU A 15 -12.54 -9.05 -12.06
CA LEU A 15 -11.50 -9.83 -11.42
C LEU A 15 -10.52 -10.33 -12.45
N ASN A 16 -11.01 -10.60 -13.66
CA ASN A 16 -10.12 -11.04 -14.73
C ASN A 16 -9.05 -9.96 -14.89
N VAL A 17 -9.50 -8.72 -14.95
CA VAL A 17 -8.59 -7.57 -15.13
C VAL A 17 -7.58 -7.45 -13.99
N LEU A 18 -8.06 -7.43 -12.75
CA LEU A 18 -7.18 -7.27 -11.59
C LEU A 18 -6.08 -8.34 -11.57
N GLU A 19 -6.45 -9.57 -11.90
CA GLU A 19 -5.49 -10.67 -11.91
C GLU A 19 -4.50 -10.41 -13.03
N ALA A 20 -5.01 -9.99 -14.19
CA ALA A 20 -4.14 -9.75 -15.33
C ALA A 20 -3.05 -8.68 -15.12
N ILE A 21 -3.40 -7.60 -14.46
CA ILE A 21 -2.47 -6.49 -14.25
C ILE A 21 -1.60 -6.58 -13.00
N GLU A 22 -1.86 -7.55 -12.13
CA GLU A 22 -1.11 -7.63 -10.87
C GLU A 22 0.39 -7.79 -11.14
N PRO A 23 1.22 -6.93 -10.53
CA PRO A 23 2.68 -6.91 -10.71
C PRO A 23 3.32 -8.25 -10.42
N GLY A 24 4.45 -8.49 -11.08
CA GLY A 24 5.23 -9.68 -10.83
C GLY A 24 6.15 -9.40 -9.67
N VAL A 25 7.20 -10.21 -9.53
CA VAL A 25 8.17 -10.05 -8.46
C VAL A 25 9.04 -8.82 -8.70
N VAL A 26 9.30 -8.04 -7.65
CA VAL A 26 10.15 -6.85 -7.75
C VAL A 26 11.28 -6.98 -6.74
N CYS A 27 12.52 -7.03 -7.23
CA CYS A 27 13.68 -7.20 -6.37
C CYS A 27 14.24 -5.85 -5.92
N ALA A 28 14.85 -5.85 -4.73
CA ALA A 28 15.42 -4.63 -4.15
C ALA A 28 16.86 -4.37 -4.58
N GLY A 29 17.60 -5.42 -4.86
CA GLY A 29 19.00 -5.31 -5.24
C GLY A 29 19.88 -5.16 -4.01
N HIS A 30 19.39 -5.62 -2.87
CA HIS A 30 20.12 -5.49 -1.62
C HIS A 30 21.31 -6.46 -1.54
N ASP A 31 22.41 -6.03 -0.92
CA ASP A 31 23.59 -6.88 -0.76
C ASP A 31 23.42 -7.69 0.53
N ASN A 32 22.90 -8.90 0.42
CA ASN A 32 22.71 -9.76 1.58
C ASN A 32 23.99 -10.46 2.04
N ASN A 33 25.05 -10.37 1.24
CA ASN A 33 26.29 -11.07 1.55
C ASN A 33 27.23 -10.23 2.41
N GLN A 34 26.65 -9.42 3.27
CA GLN A 34 27.43 -8.55 4.14
C GLN A 34 26.60 -8.07 5.33
N PRO A 35 27.25 -7.88 6.49
CA PRO A 35 26.63 -7.44 7.75
C PRO A 35 25.60 -6.33 7.53
N ASP A 36 24.45 -6.45 8.18
CA ASP A 36 23.40 -5.43 8.08
C ASP A 36 23.90 -4.13 8.70
N SER A 37 23.44 -3.01 8.14
CA SER A 37 23.75 -1.68 8.65
C SER A 37 22.48 -0.87 8.38
N PHE A 38 22.18 0.09 9.24
CA PHE A 38 20.99 0.91 9.08
C PHE A 38 21.05 1.62 7.72
N ALA A 39 22.22 2.13 7.36
CA ALA A 39 22.40 2.85 6.11
C ALA A 39 22.09 1.98 4.90
N ALA A 40 22.67 0.78 4.87
CA ALA A 40 22.44 -0.16 3.79
C ALA A 40 20.96 -0.59 3.69
N LEU A 41 20.36 -0.94 4.82
CA LEU A 41 18.98 -1.42 4.80
C LEU A 41 18.01 -0.34 4.28
N LEU A 42 18.16 0.87 4.78
CA LEU A 42 17.26 1.95 4.41
C LEU A 42 17.52 2.39 2.97
N SER A 43 18.78 2.41 2.54
CA SER A 43 19.07 2.75 1.14
C SER A 43 18.40 1.71 0.21
N SER A 44 18.33 0.47 0.67
CA SER A 44 17.68 -0.57 -0.12
C SER A 44 16.15 -0.44 -0.11
N LEU A 45 15.58 0.00 1.00
CA LEU A 45 14.13 0.21 1.06
C LEU A 45 13.79 1.38 0.12
N ASN A 46 14.67 2.37 0.06
CA ASN A 46 14.46 3.53 -0.81
C ASN A 46 14.47 3.13 -2.28
N GLU A 47 15.42 2.29 -2.65
CA GLU A 47 15.52 1.81 -4.02
C GLU A 47 14.30 0.94 -4.36
N LEU A 48 13.95 0.03 -3.48
CA LEU A 48 12.79 -0.83 -3.66
C LEU A 48 11.53 0.03 -3.72
N GLY A 49 11.46 1.03 -2.87
CA GLY A 49 10.31 1.90 -2.83
C GLY A 49 10.10 2.54 -4.20
N GLU A 50 11.21 2.96 -4.81
CA GLU A 50 11.15 3.57 -6.12
C GLU A 50 10.72 2.58 -7.19
N ARG A 51 11.34 1.40 -7.21
CA ARG A 51 10.92 0.37 -8.16
C ARG A 51 9.42 0.04 -8.04
N GLN A 52 8.90 -0.01 -6.82
CA GLN A 52 7.48 -0.32 -6.61
C GLN A 52 6.58 0.80 -7.13
N LEU A 53 6.97 2.05 -6.88
CA LEU A 53 6.19 3.19 -7.36
C LEU A 53 6.08 3.10 -8.88
N VAL A 54 7.18 2.78 -9.55
CA VAL A 54 7.17 2.67 -11.01
C VAL A 54 6.14 1.64 -11.46
N HIS A 55 6.11 0.49 -10.77
CA HIS A 55 5.17 -0.57 -11.11
C HIS A 55 3.76 -0.19 -10.68
N VAL A 56 3.63 0.48 -9.55
CA VAL A 56 2.29 0.89 -9.08
C VAL A 56 1.66 1.85 -10.10
N VAL A 57 2.48 2.73 -10.69
CA VAL A 57 1.94 3.65 -11.70
C VAL A 57 1.39 2.88 -12.91
N LYS A 58 2.13 1.89 -13.40
CA LYS A 58 1.69 1.13 -14.57
C LYS A 58 0.46 0.30 -14.23
N TRP A 59 0.45 -0.27 -13.04
CA TRP A 59 -0.68 -1.06 -12.55
C TRP A 59 -1.94 -0.17 -12.46
N ALA A 60 -1.83 0.94 -11.74
CA ALA A 60 -2.95 1.85 -11.55
C ALA A 60 -3.55 2.32 -12.88
N LYS A 61 -2.69 2.69 -13.81
CA LYS A 61 -3.12 3.18 -15.13
C LYS A 61 -3.88 2.14 -15.96
N ALA A 62 -3.77 0.87 -15.58
CA ALA A 62 -4.45 -0.22 -16.27
C ALA A 62 -5.74 -0.68 -15.58
N LEU A 63 -6.08 -0.05 -14.46
CA LEU A 63 -7.28 -0.41 -13.72
C LEU A 63 -8.55 0.01 -14.45
N PRO A 64 -9.62 -0.78 -14.31
CA PRO A 64 -10.88 -0.36 -14.94
C PRO A 64 -11.31 1.02 -14.43
N GLY A 65 -11.73 1.89 -15.35
CA GLY A 65 -12.20 3.24 -15.06
C GLY A 65 -11.15 4.30 -14.72
N PHE A 66 -9.92 3.86 -14.44
CA PHE A 66 -8.88 4.80 -14.03
C PHE A 66 -8.70 6.02 -14.90
N ARG A 67 -8.81 5.85 -16.20
CA ARG A 67 -8.65 6.96 -17.13
C ARG A 67 -9.86 7.88 -17.16
N ASN A 68 -10.85 7.58 -16.34
CA ASN A 68 -12.03 8.42 -16.18
C ASN A 68 -11.61 9.66 -15.38
N LEU A 69 -10.62 9.48 -14.52
CA LEU A 69 -10.13 10.57 -13.67
C LEU A 69 -9.41 11.60 -14.52
N HIS A 70 -9.39 12.83 -14.04
CA HIS A 70 -8.66 13.88 -14.73
C HIS A 70 -7.16 13.56 -14.68
N VAL A 71 -6.44 13.94 -15.74
CA VAL A 71 -5.01 13.69 -15.84
C VAL A 71 -4.18 14.08 -14.61
N ASP A 72 -4.54 15.21 -13.99
CA ASP A 72 -3.82 15.71 -12.82
C ASP A 72 -4.16 14.89 -11.58
N ASP A 73 -5.42 14.49 -11.50
CA ASP A 73 -5.90 13.71 -10.38
C ASP A 73 -5.27 12.32 -10.42
N GLN A 74 -4.93 11.88 -11.63
CA GLN A 74 -4.38 10.55 -11.84
C GLN A 74 -3.07 10.34 -11.09
N MET A 75 -2.07 11.17 -11.35
CA MET A 75 -0.79 11.02 -10.65
C MET A 75 -0.87 11.35 -9.16
N ALA A 76 -1.69 12.31 -8.80
CA ALA A 76 -1.84 12.67 -7.39
C ALA A 76 -2.35 11.49 -6.57
N VAL A 77 -3.40 10.86 -7.08
CA VAL A 77 -4.02 9.73 -6.40
C VAL A 77 -3.01 8.59 -6.22
N ILE A 78 -2.21 8.35 -7.25
CA ILE A 78 -1.18 7.33 -7.18
C ILE A 78 -0.18 7.69 -6.10
N GLN A 79 0.37 8.89 -6.18
CA GLN A 79 1.37 9.34 -5.23
C GLN A 79 0.92 9.30 -3.76
N TYR A 80 -0.29 9.77 -3.50
CA TYR A 80 -0.79 9.81 -2.12
C TYR A 80 -1.01 8.41 -1.59
N SER A 81 -1.48 7.52 -2.46
CA SER A 81 -1.84 6.16 -2.07
C SER A 81 -0.68 5.18 -2.08
N TRP A 82 0.41 5.59 -2.72
CA TRP A 82 1.58 4.72 -2.89
C TRP A 82 2.07 3.94 -1.66
N MET A 83 2.36 4.62 -0.57
CA MET A 83 2.84 3.94 0.63
C MET A 83 1.88 2.87 1.15
N GLY A 84 0.59 3.22 1.22
CA GLY A 84 -0.41 2.28 1.70
C GLY A 84 -0.53 1.07 0.78
N LEU A 85 -0.48 1.31 -0.53
CA LEU A 85 -0.57 0.23 -1.51
C LEU A 85 0.61 -0.73 -1.33
N MET A 86 1.79 -0.16 -1.10
CA MET A 86 3.02 -0.94 -0.92
C MET A 86 2.91 -1.77 0.34
N VAL A 87 2.43 -1.13 1.41
CA VAL A 87 2.30 -1.79 2.69
C VAL A 87 1.38 -3.00 2.62
N PHE A 88 0.23 -2.79 1.99
CA PHE A 88 -0.80 -3.80 1.86
C PHE A 88 -0.31 -4.99 1.03
N ALA A 89 0.33 -4.72 -0.10
CA ALA A 89 0.83 -5.78 -0.95
C ALA A 89 1.98 -6.51 -0.24
N MET A 90 2.77 -5.77 0.52
CA MET A 90 3.87 -6.39 1.24
C MET A 90 3.36 -7.32 2.34
N GLY A 91 2.26 -6.92 3.00
CA GLY A 91 1.64 -7.74 4.02
C GLY A 91 1.15 -9.06 3.44
N TRP A 92 0.60 -8.99 2.23
CA TRP A 92 0.09 -10.17 1.54
C TRP A 92 1.23 -11.14 1.18
N ARG A 93 2.27 -10.61 0.53
CA ARG A 93 3.48 -11.39 0.17
C ARG A 93 4.06 -12.08 1.42
N SER A 94 4.05 -11.36 2.54
CA SER A 94 4.62 -11.87 3.78
C SER A 94 3.81 -13.06 4.25
N PHE A 95 2.49 -12.89 4.18
CA PHE A 95 1.56 -13.93 4.55
C PHE A 95 1.73 -15.16 3.65
N THR A 96 1.65 -14.94 2.34
CA THR A 96 1.73 -16.06 1.39
C THR A 96 3.08 -16.76 1.32
N ASN A 97 4.17 -16.00 1.41
CA ASN A 97 5.49 -16.60 1.28
C ASN A 97 6.08 -17.17 2.55
N VAL A 98 5.96 -16.45 3.66
CA VAL A 98 6.56 -16.86 4.91
C VAL A 98 5.63 -16.90 6.10
N ASN A 99 4.35 -17.16 5.85
CA ASN A 99 3.37 -17.22 6.92
C ASN A 99 3.44 -16.07 7.92
N SER A 100 3.76 -14.88 7.43
CA SER A 100 3.83 -13.68 8.27
C SER A 100 4.93 -13.72 9.31
N ARG A 101 5.85 -14.67 9.18
CA ARG A 101 6.92 -14.78 10.18
C ARG A 101 7.97 -13.68 10.04
N MET A 102 8.10 -13.15 8.84
CA MET A 102 9.04 -12.06 8.57
C MET A 102 8.39 -11.14 7.54
N LEU A 103 8.95 -9.94 7.38
CA LEU A 103 8.39 -9.00 6.42
C LEU A 103 9.08 -9.24 5.07
N TYR A 104 8.29 -9.70 4.11
CA TYR A 104 8.80 -10.04 2.79
C TYR A 104 8.69 -8.84 1.82
N PHE A 105 9.57 -7.86 2.02
CA PHE A 105 9.63 -6.67 1.15
C PHE A 105 9.91 -7.11 -0.29
N ALA A 106 10.88 -7.98 -0.44
CA ALA A 106 11.25 -8.53 -1.75
C ALA A 106 11.97 -9.83 -1.50
N PRO A 107 12.14 -10.65 -2.54
CA PRO A 107 12.83 -11.92 -2.29
C PRO A 107 14.23 -11.70 -1.73
N ASP A 108 14.89 -10.61 -2.14
CA ASP A 108 16.23 -10.28 -1.64
C ASP A 108 16.23 -9.24 -0.53
N LEU A 109 15.08 -8.99 0.08
CA LEU A 109 15.00 -8.05 1.19
C LEU A 109 13.94 -8.48 2.17
N VAL A 110 14.24 -9.54 2.90
CA VAL A 110 13.32 -10.13 3.88
C VAL A 110 13.76 -9.66 5.27
N PHE A 111 12.85 -9.05 6.03
CA PHE A 111 13.21 -8.55 7.34
C PHE A 111 12.88 -9.52 8.46
N ASN A 112 13.91 -9.98 9.18
CA ASN A 112 13.70 -10.80 10.38
C ASN A 112 13.66 -9.79 11.54
N GLU A 113 13.53 -10.27 12.79
CA GLU A 113 13.45 -9.33 13.92
C GLU A 113 14.70 -8.46 14.03
N TYR A 114 15.85 -9.05 13.77
CA TYR A 114 17.08 -8.29 13.86
C TYR A 114 17.07 -7.08 12.90
N ARG A 115 16.66 -7.31 11.67
CA ARG A 115 16.64 -6.24 10.67
C ARG A 115 15.57 -5.20 11.01
N MET A 116 14.46 -5.67 11.57
CA MET A 116 13.38 -4.78 11.96
C MET A 116 13.94 -3.78 12.97
N HIS A 117 14.78 -4.27 13.88
CA HIS A 117 15.39 -3.44 14.90
C HIS A 117 16.47 -2.55 14.31
N LYS A 118 17.31 -3.13 13.48
CA LYS A 118 18.42 -2.40 12.86
C LYS A 118 17.94 -1.25 11.97
N SER A 119 16.76 -1.42 11.37
CA SER A 119 16.22 -0.41 10.47
C SER A 119 15.72 0.81 11.23
N ARG A 120 15.61 0.66 12.55
CA ARG A 120 15.11 1.73 13.41
C ARG A 120 13.62 2.03 13.17
N MET A 121 12.92 1.11 12.52
CA MET A 121 11.47 1.25 12.35
C MET A 121 10.77 0.04 12.93
N TYR A 122 11.26 -0.43 14.07
CA TYR A 122 10.67 -1.62 14.70
C TYR A 122 9.17 -1.53 14.93
N SER A 123 8.72 -0.46 15.56
CA SER A 123 7.28 -0.34 15.81
C SER A 123 6.46 -0.38 14.53
N GLN A 124 6.94 0.29 13.48
CA GLN A 124 6.22 0.30 12.21
C GLN A 124 6.22 -1.13 11.62
N CYS A 125 7.35 -1.82 11.73
CA CYS A 125 7.42 -3.19 11.25
C CYS A 125 6.49 -4.11 12.01
N VAL A 126 6.38 -3.92 13.32
CA VAL A 126 5.50 -4.77 14.10
C VAL A 126 4.04 -4.60 13.70
N ARG A 127 3.65 -3.38 13.34
CA ARG A 127 2.29 -3.13 12.87
C ARG A 127 2.08 -3.77 11.50
N MET A 128 3.12 -3.75 10.68
CA MET A 128 3.02 -4.35 9.36
C MET A 128 2.93 -5.87 9.47
N ARG A 129 3.65 -6.43 10.43
CA ARG A 129 3.60 -7.86 10.69
C ARG A 129 2.21 -8.25 11.17
N HIS A 130 1.62 -7.42 12.00
CA HIS A 130 0.26 -7.69 12.49
C HIS A 130 -0.74 -7.65 11.32
N LEU A 131 -0.59 -6.67 10.44
CA LEU A 131 -1.47 -6.56 9.28
C LEU A 131 -1.37 -7.82 8.42
N SER A 132 -0.15 -8.31 8.24
CA SER A 132 0.07 -9.52 7.48
C SER A 132 -0.59 -10.73 8.15
N GLN A 133 -0.49 -10.81 9.47
CA GLN A 133 -1.10 -11.93 10.20
C GLN A 133 -2.63 -11.92 10.00
N GLU A 134 -3.19 -10.73 9.90
CA GLU A 134 -4.63 -10.58 9.71
C GLU A 134 -5.12 -11.20 8.41
N PHE A 135 -4.25 -11.30 7.41
CA PHE A 135 -4.63 -11.93 6.13
C PHE A 135 -4.95 -13.40 6.40
N GLY A 136 -4.22 -13.98 7.35
CA GLY A 136 -4.42 -15.38 7.73
C GLY A 136 -5.58 -15.55 8.69
N TRP A 137 -5.63 -14.70 9.72
CA TRP A 137 -6.70 -14.76 10.70
C TRP A 137 -8.05 -14.59 10.05
N LEU A 138 -8.16 -13.64 9.11
CA LEU A 138 -9.41 -13.38 8.41
C LEU A 138 -9.65 -14.29 7.22
N GLN A 139 -8.66 -15.12 6.89
CA GLN A 139 -8.76 -16.02 5.73
C GLN A 139 -9.07 -15.23 4.45
N ILE A 140 -8.31 -14.16 4.22
CA ILE A 140 -8.50 -13.33 3.03
C ILE A 140 -8.18 -14.13 1.78
N THR A 141 -9.10 -14.15 0.83
CA THR A 141 -8.90 -14.86 -0.41
C THR A 141 -8.03 -14.02 -1.34
N PRO A 142 -7.39 -14.67 -2.31
CA PRO A 142 -6.57 -13.89 -3.25
C PRO A 142 -7.41 -12.85 -4.00
N GLN A 143 -8.68 -13.16 -4.24
CA GLN A 143 -9.56 -12.25 -4.96
C GLN A 143 -10.02 -11.08 -4.11
N GLU A 144 -10.25 -11.36 -2.82
CA GLU A 144 -10.63 -10.30 -1.90
C GLU A 144 -9.45 -9.34 -1.80
N PHE A 145 -8.26 -9.91 -1.72
CA PHE A 145 -7.03 -9.13 -1.64
C PHE A 145 -6.88 -8.20 -2.84
N LEU A 146 -7.08 -8.74 -4.04
CA LEU A 146 -6.95 -7.93 -5.25
C LEU A 146 -8.00 -6.82 -5.26
N CYS A 147 -9.24 -7.12 -4.88
CA CYS A 147 -10.25 -6.05 -4.90
C CYS A 147 -9.96 -4.97 -3.84
N MET A 148 -9.50 -5.39 -2.66
CA MET A 148 -9.18 -4.45 -1.60
C MET A 148 -8.01 -3.57 -1.98
N LYS A 149 -6.98 -4.17 -2.59
CA LYS A 149 -5.81 -3.39 -2.96
C LYS A 149 -6.21 -2.31 -3.98
N ALA A 150 -7.10 -2.65 -4.91
CA ALA A 150 -7.59 -1.66 -5.88
C ALA A 150 -8.38 -0.55 -5.17
N LEU A 151 -9.21 -0.93 -4.19
CA LEU A 151 -9.98 0.06 -3.43
C LEU A 151 -9.04 1.01 -2.71
N LEU A 152 -7.89 0.49 -2.28
CA LEU A 152 -6.90 1.30 -1.56
C LEU A 152 -6.42 2.48 -2.36
N LEU A 153 -6.36 2.33 -3.68
CA LEU A 153 -5.89 3.42 -4.54
C LEU A 153 -6.80 4.63 -4.40
N PHE A 154 -8.09 4.37 -4.19
CA PHE A 154 -9.10 5.42 -4.07
C PHE A 154 -9.48 5.68 -2.62
N SER A 155 -8.49 5.68 -1.75
CA SER A 155 -8.76 5.85 -0.32
C SER A 155 -8.07 7.00 0.39
N ILE A 156 -7.51 7.93 -0.36
CA ILE A 156 -6.84 9.09 0.24
C ILE A 156 -6.80 10.25 -0.74
N ILE A 157 -7.40 11.37 -0.34
CA ILE A 157 -7.51 12.53 -1.22
C ILE A 157 -7.37 13.85 -0.48
N PRO A 158 -7.14 14.95 -1.21
CA PRO A 158 -7.01 16.28 -0.61
C PRO A 158 -8.30 16.65 0.10
N VAL A 159 -8.16 17.16 1.31
CA VAL A 159 -9.31 17.55 2.13
C VAL A 159 -10.23 18.49 1.35
N ASP A 160 -9.66 19.25 0.43
CA ASP A 160 -10.42 20.17 -0.39
C ASP A 160 -10.68 19.67 -1.82
N GLY A 161 -10.88 18.35 -1.95
CA GLY A 161 -11.18 17.71 -3.21
C GLY A 161 -10.13 17.77 -4.32
N LEU A 162 -10.43 17.09 -5.43
CA LEU A 162 -9.55 17.02 -6.58
C LEU A 162 -10.04 17.93 -7.70
N LYS A 163 -9.32 17.94 -8.83
CA LYS A 163 -9.71 18.74 -9.98
C LYS A 163 -11.12 18.34 -10.44
N ASN A 164 -11.36 17.04 -10.55
CA ASN A 164 -12.68 16.53 -10.89
C ASN A 164 -13.07 15.44 -9.90
N GLN A 165 -13.49 15.89 -8.71
CA GLN A 165 -13.89 15.03 -7.62
C GLN A 165 -15.04 14.08 -7.95
N LYS A 166 -15.96 14.50 -8.81
CA LYS A 166 -17.10 13.65 -9.17
C LYS A 166 -16.68 12.33 -9.81
N PHE A 167 -15.71 12.37 -10.72
CA PHE A 167 -15.24 11.17 -11.41
C PHE A 167 -14.61 10.20 -10.42
N PHE A 168 -13.85 10.76 -9.50
CA PHE A 168 -13.22 10.00 -8.44
C PHE A 168 -14.29 9.33 -7.56
N ASP A 169 -15.31 10.10 -7.16
CA ASP A 169 -16.38 9.58 -6.31
C ASP A 169 -17.07 8.41 -6.98
N GLU A 170 -17.32 8.52 -8.28
CA GLU A 170 -17.99 7.43 -9.00
C GLU A 170 -17.07 6.20 -9.06
N LEU A 171 -15.79 6.41 -9.32
CA LEU A 171 -14.81 5.32 -9.38
C LEU A 171 -14.79 4.61 -8.02
N ARG A 172 -14.66 5.37 -6.92
CA ARG A 172 -14.67 4.77 -5.58
C ARG A 172 -15.93 3.95 -5.32
N MET A 173 -17.08 4.53 -5.63
CA MET A 173 -18.33 3.82 -5.42
C MET A 173 -18.35 2.50 -6.19
N ASN A 174 -17.88 2.51 -7.43
CA ASN A 174 -17.84 1.30 -8.25
C ASN A 174 -16.92 0.21 -7.71
N TYR A 175 -15.80 0.61 -7.13
CA TYR A 175 -14.90 -0.38 -6.54
C TYR A 175 -15.49 -0.96 -5.25
N ILE A 176 -16.26 -0.16 -4.53
CA ILE A 176 -16.90 -0.65 -3.30
C ILE A 176 -17.91 -1.70 -3.70
N LYS A 177 -18.64 -1.45 -4.78
CA LYS A 177 -19.63 -2.39 -5.30
C LYS A 177 -18.99 -3.70 -5.76
N GLU A 178 -17.80 -3.62 -6.36
CA GLU A 178 -17.10 -4.82 -6.81
C GLU A 178 -16.71 -5.70 -5.62
N LEU A 179 -16.18 -5.09 -4.56
CA LEU A 179 -15.85 -5.86 -3.34
C LEU A 179 -17.10 -6.56 -2.82
N ASP A 180 -18.23 -5.85 -2.87
CA ASP A 180 -19.52 -6.40 -2.41
C ASP A 180 -19.85 -7.68 -3.16
N ARG A 181 -19.79 -7.61 -4.48
CA ARG A 181 -20.12 -8.75 -5.32
C ARG A 181 -19.20 -9.91 -4.97
N ILE A 182 -17.94 -9.59 -4.70
CA ILE A 182 -16.95 -10.60 -4.37
C ILE A 182 -17.24 -11.34 -3.07
N ILE A 183 -17.71 -10.61 -2.06
CA ILE A 183 -18.06 -11.23 -0.80
C ILE A 183 -19.33 -12.04 -0.95
N ALA A 184 -20.24 -11.56 -1.81
CA ALA A 184 -21.52 -12.23 -2.04
C ALA A 184 -21.49 -13.44 -2.98
N CYS A 185 -20.47 -13.48 -3.84
CA CYS A 185 -20.31 -14.53 -4.83
C CYS A 185 -20.65 -15.94 -4.34
N LYS A 186 -20.18 -16.28 -3.15
CA LYS A 186 -20.41 -17.61 -2.60
C LYS A 186 -20.87 -17.50 -1.14
N ARG A 187 -21.22 -16.29 -0.73
CA ARG A 187 -21.63 -16.05 0.64
C ARG A 187 -23.11 -15.92 0.97
N LYS A 188 -23.80 -17.04 0.85
CA LYS A 188 -25.21 -17.22 1.22
C LYS A 188 -26.11 -16.01 1.55
N ASN A 189 -26.60 -16.01 2.79
CA ASN A 189 -27.57 -15.04 3.28
C ASN A 189 -27.04 -13.82 4.05
N PRO A 190 -27.26 -12.62 3.51
CA PRO A 190 -26.96 -11.24 3.89
C PRO A 190 -26.13 -11.07 5.16
N THR A 191 -26.67 -11.48 6.30
CA THR A 191 -25.98 -11.33 7.58
C THR A 191 -24.51 -11.76 7.54
N SER A 192 -24.20 -12.71 6.68
CA SER A 192 -22.82 -13.16 6.53
C SER A 192 -22.04 -12.16 5.66
N CYS A 193 -22.70 -11.63 4.64
CA CYS A 193 -22.08 -10.65 3.76
C CYS A 193 -21.76 -9.38 4.55
N SER A 194 -22.65 -9.03 5.47
CA SER A 194 -22.46 -7.85 6.31
C SER A 194 -21.30 -8.06 7.26
N ARG A 195 -21.25 -9.23 7.87
CA ARG A 195 -20.16 -9.55 8.79
C ARG A 195 -18.81 -9.46 8.05
N ARG A 196 -18.78 -9.98 6.83
CA ARG A 196 -17.55 -9.99 6.03
C ARG A 196 -17.13 -8.63 5.51
N PHE A 197 -18.11 -7.79 5.13
CA PHE A 197 -17.80 -6.46 4.64
C PHE A 197 -17.27 -5.64 5.81
N TYR A 198 -17.81 -5.89 6.98
CA TYR A 198 -17.38 -5.19 8.18
C TYR A 198 -15.92 -5.52 8.49
N GLN A 199 -15.58 -6.80 8.40
CA GLN A 199 -14.20 -7.26 8.65
C GLN A 199 -13.21 -6.64 7.67
N LEU A 200 -13.50 -6.73 6.37
CA LEU A 200 -12.61 -6.18 5.35
C LEU A 200 -12.45 -4.68 5.42
N THR A 201 -13.53 -3.95 5.69
CA THR A 201 -13.43 -2.48 5.79
C THR A 201 -12.57 -2.06 6.97
N LYS A 202 -12.64 -2.84 8.05
CA LYS A 202 -11.85 -2.59 9.25
C LYS A 202 -10.36 -2.86 8.89
N LEU A 203 -10.13 -3.94 8.14
CA LEU A 203 -8.77 -4.28 7.72
C LEU A 203 -8.21 -3.16 6.82
N LEU A 204 -9.01 -2.72 5.85
CA LEU A 204 -8.59 -1.63 4.97
C LEU A 204 -8.25 -0.34 5.73
N ASP A 205 -9.11 0.06 6.65
CA ASP A 205 -8.88 1.26 7.46
C ASP A 205 -7.56 1.14 8.23
N SER A 206 -7.26 -0.05 8.70
CA SER A 206 -6.04 -0.27 9.48
C SER A 206 -4.73 0.01 8.73
N VAL A 207 -4.80 0.05 7.40
CA VAL A 207 -3.62 0.32 6.58
C VAL A 207 -3.17 1.77 6.71
N GLN A 208 -4.14 2.68 6.82
CA GLN A 208 -3.86 4.11 6.85
C GLN A 208 -2.99 4.63 7.98
N PRO A 209 -3.24 4.18 9.22
CA PRO A 209 -2.37 4.68 10.30
C PRO A 209 -0.94 4.17 10.11
N ILE A 210 -0.79 2.98 9.53
CA ILE A 210 0.53 2.41 9.30
C ILE A 210 1.27 3.23 8.24
N ALA A 211 0.59 3.53 7.13
CA ALA A 211 1.16 4.34 6.07
C ALA A 211 1.55 5.72 6.60
N ARG A 212 0.73 6.26 7.48
CA ARG A 212 1.05 7.57 8.06
C ARG A 212 2.35 7.54 8.87
N GLU A 213 2.50 6.55 9.72
CA GLU A 213 3.72 6.39 10.52
C GLU A 213 4.92 6.16 9.64
N LEU A 214 4.76 5.39 8.56
CA LEU A 214 5.85 5.15 7.65
C LEU A 214 6.19 6.47 6.94
N HIS A 215 5.17 7.25 6.58
CA HIS A 215 5.40 8.54 5.95
C HIS A 215 6.16 9.47 6.87
N GLN A 216 5.76 9.51 8.15
CA GLN A 216 6.46 10.36 9.12
C GLN A 216 7.93 9.99 9.23
N PHE A 217 8.19 8.68 9.33
CA PHE A 217 9.57 8.20 9.46
C PHE A 217 10.38 8.52 8.21
N THR A 218 9.79 8.27 7.05
CA THR A 218 10.47 8.56 5.79
C THR A 218 10.80 10.05 5.66
N PHE A 219 9.82 10.89 5.99
CA PHE A 219 10.01 12.34 5.92
C PHE A 219 11.18 12.75 6.81
N ASP A 220 11.17 12.28 8.05
CA ASP A 220 12.23 12.62 9.00
C ASP A 220 13.58 12.17 8.47
N LEU A 221 13.63 10.94 7.94
CA LEU A 221 14.88 10.39 7.42
C LEU A 221 15.40 11.20 6.23
N LEU A 222 14.51 11.62 5.34
CA LEU A 222 14.96 12.41 4.19
C LEU A 222 15.65 13.70 4.64
N ILE A 223 15.01 14.39 5.58
CA ILE A 223 15.53 15.65 6.10
C ILE A 223 16.93 15.47 6.68
N LYS A 224 17.15 14.39 7.42
CA LYS A 224 18.49 14.12 7.98
C LYS A 224 19.34 13.14 7.17
N SER A 225 18.88 12.75 5.98
CA SER A 225 19.58 11.75 5.17
C SER A 225 21.09 11.95 5.02
N HIS A 226 21.52 13.17 4.73
CA HIS A 226 22.94 13.45 4.56
C HIS A 226 23.76 13.07 5.79
N MET A 227 23.15 13.19 6.96
CA MET A 227 23.83 12.90 8.23
C MET A 227 23.96 11.41 8.56
N VAL A 228 23.10 10.59 7.98
CA VAL A 228 23.11 9.16 8.30
C VAL A 228 23.54 8.27 7.15
N SER A 229 24.04 8.88 6.09
CA SER A 229 24.52 8.14 4.94
C SER A 229 23.44 7.33 4.25
N VAL A 230 22.20 7.80 4.30
CA VAL A 230 21.11 7.12 3.62
C VAL A 230 20.90 7.74 2.24
N ASP A 231 20.81 6.90 1.22
CA ASP A 231 20.63 7.43 -0.12
C ASP A 231 19.18 7.40 -0.58
N PHE A 232 18.70 8.55 -1.03
CA PHE A 232 17.35 8.68 -1.57
C PHE A 232 17.44 8.97 -3.05
N PRO A 233 16.83 8.11 -3.87
CA PRO A 233 16.83 8.43 -5.31
C PRO A 233 16.07 9.74 -5.53
N GLU A 234 16.45 10.44 -6.60
CA GLU A 234 15.83 11.71 -6.92
C GLU A 234 14.31 11.67 -6.98
N MET A 235 13.75 10.64 -7.59
CA MET A 235 12.29 10.51 -7.67
C MET A 235 11.65 10.42 -6.28
N MET A 236 12.33 9.76 -5.36
CA MET A 236 11.81 9.62 -3.99
C MET A 236 11.91 10.96 -3.29
N ALA A 237 13.07 11.61 -3.37
CA ALA A 237 13.26 12.91 -2.74
C ALA A 237 12.15 13.89 -3.15
N GLU A 238 11.76 13.84 -4.42
CA GLU A 238 10.73 14.75 -4.91
C GLU A 238 9.37 14.46 -4.29
N ILE A 239 8.93 13.21 -4.37
CA ILE A 239 7.64 12.83 -3.82
C ILE A 239 7.55 13.05 -2.33
N ILE A 240 8.61 12.70 -1.61
CA ILE A 240 8.58 12.84 -0.16
C ILE A 240 8.57 14.29 0.31
N SER A 241 9.16 15.17 -0.49
CA SER A 241 9.27 16.58 -0.11
C SER A 241 8.12 17.42 -0.65
N VAL A 242 7.46 16.94 -1.69
CA VAL A 242 6.37 17.68 -2.29
C VAL A 242 4.99 17.13 -1.92
N GLN A 243 4.81 15.82 -2.04
CA GLN A 243 3.52 15.21 -1.79
C GLN A 243 3.27 14.74 -0.36
N VAL A 244 4.27 14.08 0.21
CA VAL A 244 4.16 13.53 1.55
C VAL A 244 3.81 14.57 2.63
N PRO A 245 4.39 15.78 2.55
CA PRO A 245 4.05 16.75 3.60
C PRO A 245 2.58 17.18 3.55
N LYS A 246 1.94 17.07 2.38
CA LYS A 246 0.53 17.40 2.28
C LYS A 246 -0.27 16.44 3.16
N ILE A 247 0.22 15.20 3.26
CA ILE A 247 -0.45 14.20 4.09
C ILE A 247 -0.16 14.45 5.58
N LEU A 248 1.11 14.63 5.89
CA LEU A 248 1.54 14.86 7.27
C LEU A 248 0.98 16.16 7.86
N SER A 249 0.74 17.15 7.01
CA SER A 249 0.19 18.44 7.46
C SER A 249 -1.34 18.43 7.49
N GLY A 250 -1.94 17.36 6.99
CA GLY A 250 -3.39 17.23 7.02
C GLY A 250 -4.14 17.80 5.84
N LYS A 251 -3.43 18.25 4.81
CA LYS A 251 -4.08 18.77 3.62
C LYS A 251 -4.72 17.61 2.83
N VAL A 252 -4.13 16.43 2.93
CA VAL A 252 -4.71 15.26 2.28
C VAL A 252 -4.88 14.17 3.32
N LYS A 253 -6.07 13.60 3.38
CA LYS A 253 -6.37 12.63 4.42
C LYS A 253 -7.04 11.40 3.85
N PRO A 254 -6.91 10.28 4.57
CA PRO A 254 -7.50 9.00 4.15
C PRO A 254 -9.00 9.08 4.27
N ILE A 255 -9.68 8.26 3.48
CA ILE A 255 -11.12 8.10 3.55
C ILE A 255 -11.31 6.84 4.36
N TYR A 256 -11.75 7.00 5.60
CA TYR A 256 -11.98 5.85 6.46
C TYR A 256 -13.42 5.40 6.32
N PHE A 257 -13.64 4.09 6.40
CA PHE A 257 -14.97 3.52 6.40
C PHE A 257 -15.58 3.76 7.78
N HIS A 258 -14.80 3.52 8.82
CA HIS A 258 -15.28 3.64 10.19
C HIS A 258 -14.82 4.86 10.97
N THR A 259 -15.34 5.01 12.19
CA THR A 259 -15.00 6.16 13.02
C THR A 259 -15.70 7.41 12.48
C1 LGB B . 10.27 3.64 4.97
N2 LGB B . 9.96 3.85 3.54
C3 LGB B . 11.04 4.65 2.94
C4 LGB B . 12.25 4.50 3.89
C5 LGB B . 11.58 4.34 5.30
C6 LGB B . 9.84 2.79 2.62
O7 LGB B . 10.35 3.10 1.42
C8 LGB B . 11.19 4.21 1.49
N9 LGB B . 9.27 1.61 2.91
C10 LGB B . 8.97 0.60 2.06
C11 LGB B . 7.85 -0.20 2.37
C12 LGB B . 7.54 -1.25 1.50
C13 LGB B . 8.30 -1.50 0.33
C14 LGB B . 9.39 -0.71 0.02
C15 LGB B . 9.71 0.34 0.88
C16 LGB B . 7.03 0.05 3.62
CL17 LGB B . 6.22 -2.24 1.84
O18 LGB B . 13.09 5.62 3.86
C19 LGB B . 8.00 -2.53 -0.57
N20 LGB B . 7.66 -3.41 -1.22
C21 LGB B . 10.58 5.21 0.54
F22 LGB B . 11.30 6.32 0.60
F23 LGB B . 9.30 5.50 0.83
F24 LGB B . 10.61 4.71 -0.67
#